data_8ERW
#
_entry.id   8ERW
#
_cell.length_a   55.318
_cell.length_b   55.380
_cell.length_c   145.134
_cell.angle_alpha   90.000
_cell.angle_beta   90.000
_cell.angle_gamma   90.000
#
_symmetry.space_group_name_H-M   'P 21 21 21'
#
loop_
_entity.id
_entity.type
_entity.pdbx_description
1 polymer C2HR4_8r
2 water water
#
_entity_poly.entity_id   1
_entity_poly.type   'polypeptide(L)'
_entity_poly.pdbx_seq_one_letter_code
;MGDSEVDKAVSLVEELAQKSGSENAREAAKEIRKRGDSEVALAVALVLSLANKSGSRNAIEAAAEIAKRGDSEVALAVAL
VLSLANKSGSRNAIEAAAEIAKRGDSEVALAVALVLSLANKSGSRNAIEAAAEIAKRGDSEVALAVALVLSLANKSGSRN
AIEAAAEIAKRGDSEVALAVALVLSLANKSGSRNAIEAAAEIAKRGDSEVALAVALVLSLANKSGSRNAIEAAAEIAKRG
DSEVALKVALELSQANKNGSRDEIEKAAENAKRGDGWLEHHHHHH
;
_entity_poly.pdbx_strand_id   A,B
#
# COMPACT_ATOMS: atom_id res chain seq x y z
N ASP A 7 2.52 -1.71 -36.45
CA ASP A 7 2.84 -2.93 -37.19
C ASP A 7 4.00 -3.65 -36.52
N LYS A 8 5.04 -2.89 -36.16
CA LYS A 8 6.19 -3.50 -35.49
C LYS A 8 5.79 -4.14 -34.17
N ALA A 9 4.81 -3.57 -33.47
CA ALA A 9 4.36 -4.13 -32.20
C ALA A 9 3.92 -5.57 -32.36
N VAL A 10 3.00 -5.82 -33.30
CA VAL A 10 2.58 -7.19 -33.58
C VAL A 10 3.75 -8.01 -34.09
N SER A 11 4.67 -7.38 -34.83
CA SER A 11 5.84 -8.09 -35.33
C SER A 11 6.74 -8.52 -34.18
N LEU A 12 7.08 -7.59 -33.29
CA LEU A 12 7.93 -7.94 -32.15
C LEU A 12 7.26 -9.01 -31.28
N VAL A 13 5.95 -8.86 -31.04
CA VAL A 13 5.23 -9.87 -30.27
C VAL A 13 5.22 -11.19 -31.03
N GLU A 14 4.91 -11.13 -32.32
CA GLU A 14 4.85 -12.35 -33.12
C GLU A 14 6.20 -13.05 -33.17
N GLU A 15 7.28 -12.30 -33.42
CA GLU A 15 8.62 -12.88 -33.44
C GLU A 15 8.94 -13.54 -32.09
N LEU A 16 8.71 -12.80 -31.00
CA LEU A 16 8.90 -13.38 -29.68
C LEU A 16 7.87 -14.46 -29.38
N ALA A 17 6.69 -14.36 -29.99
CA ALA A 17 5.65 -15.35 -29.76
C ALA A 17 6.03 -16.70 -30.38
N GLN A 18 6.49 -16.67 -31.63
CA GLN A 18 7.03 -17.89 -32.24
C GLN A 18 8.00 -18.57 -31.29
N LYS A 19 8.90 -17.81 -30.67
CA LYS A 19 9.78 -18.33 -29.65
C LYS A 19 9.09 -18.29 -28.29
N GLY A 21 9.52 -22.02 -25.68
CA GLY A 21 8.45 -22.85 -26.21
C GLY A 21 7.08 -22.25 -25.96
N SER A 22 6.67 -21.34 -26.83
CA SER A 22 5.42 -20.63 -26.64
C SER A 22 4.23 -21.55 -26.90
N GLU A 23 3.06 -21.11 -26.43
CA GLU A 23 1.82 -21.87 -26.59
C GLU A 23 0.83 -21.07 -27.45
N GLU A 27 -0.38 -18.73 -31.65
CA GLU A 27 -1.84 -18.65 -31.69
C GLU A 27 -2.30 -17.34 -31.06
N ALA A 28 -1.89 -17.15 -29.80
CA ALA A 28 -2.26 -15.93 -29.09
C ALA A 28 -1.79 -14.69 -29.84
N ALA A 29 -0.57 -14.74 -30.38
CA ALA A 29 -0.04 -13.59 -31.11
C ALA A 29 -0.94 -13.22 -32.27
N LYS A 30 -1.45 -14.21 -33.00
CA LYS A 30 -2.39 -13.91 -34.08
C LYS A 30 -3.63 -13.21 -33.55
N GLU A 31 -4.09 -13.59 -32.36
CA GLU A 31 -5.25 -12.92 -31.76
C GLU A 31 -4.90 -11.47 -31.43
N ILE A 32 -3.76 -11.24 -30.79
CA ILE A 32 -3.36 -9.88 -30.45
C ILE A 32 -3.17 -9.06 -31.72
N ARG A 33 -2.51 -9.65 -32.73
CA ARG A 33 -2.32 -8.94 -33.99
C ARG A 33 -3.66 -8.57 -34.63
N LYS A 34 -4.63 -9.48 -34.57
CA LYS A 34 -5.94 -9.21 -35.15
C LYS A 34 -6.62 -8.03 -34.46
N ARG A 35 -6.37 -7.84 -33.16
CA ARG A 35 -6.98 -6.72 -32.45
C ARG A 35 -6.30 -5.41 -32.82
N GLY A 36 -4.99 -5.42 -33.00
CA GLY A 36 -4.27 -4.24 -33.41
C GLY A 36 -4.24 -3.12 -32.40
N ASP A 37 -3.93 -3.45 -31.14
CA ASP A 37 -3.78 -2.48 -30.07
C ASP A 37 -2.31 -2.42 -29.68
N SER A 38 -1.67 -1.27 -29.91
CA SER A 38 -0.25 -1.14 -29.63
C SER A 38 0.05 -1.38 -28.16
N GLU A 39 -0.59 -0.60 -27.28
CA GLU A 39 -0.36 -0.72 -25.85
C GLU A 39 -0.40 -2.17 -25.41
N VAL A 40 -1.45 -2.89 -25.80
CA VAL A 40 -1.51 -4.33 -25.53
C VAL A 40 -0.36 -5.04 -26.24
N ALA A 41 -0.07 -4.63 -27.47
CA ALA A 41 0.98 -5.28 -28.24
C ALA A 41 2.35 -5.06 -27.62
N LEU A 42 2.70 -3.80 -27.38
CA LEU A 42 3.98 -3.52 -26.72
C LEU A 42 4.01 -4.12 -25.32
N ALA A 43 2.93 -3.96 -24.56
CA ALA A 43 2.84 -4.56 -23.24
C ALA A 43 3.16 -6.05 -23.29
N VAL A 44 2.44 -6.79 -24.12
CA VAL A 44 2.62 -8.24 -24.17
C VAL A 44 4.02 -8.58 -24.69
N ALA A 45 4.50 -7.82 -25.69
CA ALA A 45 5.87 -8.01 -26.15
C ALA A 45 6.83 -7.97 -24.98
N LEU A 46 6.72 -6.93 -24.14
CA LEU A 46 7.55 -6.85 -22.95
C LEU A 46 7.36 -8.06 -22.06
N VAL A 47 6.11 -8.50 -21.89
CA VAL A 47 5.84 -9.64 -21.02
C VAL A 47 6.56 -10.88 -21.54
N LEU A 48 6.45 -11.15 -22.84
CA LEU A 48 7.08 -12.34 -23.41
C LEU A 48 8.59 -12.19 -23.45
N SER A 49 9.08 -11.02 -23.84
CA SER A 49 10.53 -10.79 -23.85
C SER A 49 11.13 -11.11 -22.48
N LEU A 50 10.49 -10.64 -21.41
CA LEU A 50 10.99 -10.94 -20.08
C LEU A 50 10.85 -12.42 -19.74
N ALA A 51 9.86 -13.09 -20.32
CA ALA A 51 9.68 -14.52 -20.05
C ALA A 51 10.77 -15.34 -20.72
N ASN A 52 11.11 -15.02 -21.97
CA ASN A 52 12.02 -15.87 -22.73
C ASN A 52 13.39 -15.95 -22.04
N LYS A 53 13.97 -14.81 -21.67
CA LYS A 53 15.31 -14.82 -21.10
C LYS A 53 15.33 -15.45 -19.71
N SER A 54 14.21 -15.44 -19.00
CA SER A 54 14.15 -15.97 -17.64
C SER A 54 14.41 -17.48 -17.62
N ARG A 57 10.57 -21.96 -16.55
CA ARG A 57 9.71 -22.36 -17.66
C ARG A 57 8.27 -21.92 -17.42
N ASN A 58 7.82 -22.06 -16.17
CA ASN A 58 6.47 -21.61 -15.82
C ASN A 58 6.26 -20.16 -16.17
N ALA A 59 7.32 -19.35 -16.12
CA ALA A 59 7.22 -17.96 -16.55
C ALA A 59 6.84 -17.89 -18.03
N ILE A 60 7.63 -18.55 -18.88
CA ILE A 60 7.30 -18.62 -20.30
C ILE A 60 5.90 -19.19 -20.49
N GLU A 61 5.57 -20.24 -19.74
CA GLU A 61 4.21 -20.77 -19.78
C GLU A 61 3.20 -19.77 -19.25
N ALA A 62 3.55 -19.07 -18.16
CA ALA A 62 2.61 -18.12 -17.58
C ALA A 62 2.39 -16.92 -18.49
N ALA A 63 3.45 -16.43 -19.13
CA ALA A 63 3.33 -15.22 -19.95
C ALA A 63 2.29 -15.40 -21.06
N ALA A 64 2.16 -16.62 -21.59
CA ALA A 64 1.20 -16.85 -22.66
C ALA A 64 -0.23 -16.53 -22.21
N GLU A 65 -0.57 -16.88 -20.97
CA GLU A 65 -1.90 -16.56 -20.46
C GLU A 65 -2.16 -15.06 -20.55
N ILE A 66 -1.17 -14.25 -20.21
CA ILE A 66 -1.31 -12.80 -20.30
C ILE A 66 -1.55 -12.40 -21.76
N ALA A 67 -0.76 -12.96 -22.68
CA ALA A 67 -0.88 -12.60 -24.08
C ALA A 67 -2.30 -12.86 -24.59
N LYS A 68 -2.90 -13.99 -24.22
CA LYS A 68 -4.23 -14.31 -24.70
C LYS A 68 -5.28 -13.39 -24.08
N ARG A 69 -5.00 -12.82 -22.90
CA ARG A 69 -5.97 -11.95 -22.26
C ARG A 69 -6.17 -10.66 -23.04
N GLY A 70 -5.09 -10.09 -23.58
CA GLY A 70 -5.19 -8.83 -24.28
C GLY A 70 -5.54 -7.66 -23.38
N ASP A 71 -4.99 -7.65 -22.16
CA ASP A 71 -5.26 -6.62 -21.17
C ASP A 71 -4.00 -5.77 -21.00
N SER A 72 -4.14 -4.46 -21.26
CA SER A 72 -2.97 -3.59 -21.16
C SER A 72 -2.48 -3.49 -19.72
N GLU A 73 -3.39 -3.35 -18.76
CA GLU A 73 -3.00 -3.11 -17.38
C GLU A 73 -2.27 -4.31 -16.79
N VAL A 74 -2.83 -5.51 -16.96
CA VAL A 74 -2.26 -6.70 -16.33
C VAL A 74 -0.88 -6.97 -16.92
N ALA A 75 -0.76 -6.91 -18.24
CA ALA A 75 0.51 -7.24 -18.90
C ALA A 75 1.65 -6.41 -18.34
N LEU A 76 1.44 -5.11 -18.17
CA LEU A 76 2.50 -4.25 -17.65
C LEU A 76 2.81 -4.62 -16.20
N ALA A 77 1.78 -4.71 -15.35
CA ALA A 77 1.99 -5.10 -13.97
C ALA A 77 2.79 -6.40 -13.88
N VAL A 78 2.37 -7.42 -14.63
CA VAL A 78 3.08 -8.69 -14.63
C VAL A 78 4.50 -8.49 -15.12
N ALA A 79 4.67 -7.84 -16.27
CA ALA A 79 6.01 -7.58 -16.78
C ALA A 79 6.86 -6.86 -15.72
N LEU A 80 6.26 -5.90 -15.04
CA LEU A 80 6.97 -5.17 -13.99
C LEU A 80 7.44 -6.13 -12.90
N VAL A 81 6.53 -6.95 -12.38
CA VAL A 81 6.92 -7.92 -11.35
C VAL A 81 8.00 -8.84 -11.88
N LEU A 82 7.89 -9.24 -13.15
CA LEU A 82 8.93 -10.05 -13.77
C LEU A 82 10.26 -9.31 -13.79
N SER A 83 10.25 -8.08 -14.30
CA SER A 83 11.47 -7.28 -14.33
C SER A 83 12.12 -7.21 -12.96
N LEU A 84 11.32 -7.03 -11.91
CA LEU A 84 11.88 -6.95 -10.57
C LEU A 84 12.30 -8.31 -10.03
N ALA A 85 11.68 -9.39 -10.51
CA ALA A 85 12.14 -10.72 -10.14
C ALA A 85 13.51 -11.01 -10.73
N ASN A 86 13.84 -10.41 -11.87
CA ASN A 86 15.16 -10.57 -12.46
C ASN A 86 16.21 -9.77 -11.68
N LYS A 87 15.89 -8.50 -11.38
CA LYS A 87 16.86 -7.64 -10.71
C LYS A 87 17.19 -8.16 -9.32
N SER A 88 16.23 -8.76 -8.63
CA SER A 88 16.52 -9.43 -7.37
C SER A 88 17.39 -10.66 -7.59
N GLY A 89 17.29 -11.28 -8.77
CA GLY A 89 18.05 -12.48 -9.05
C GLY A 89 17.79 -13.60 -8.08
N SER A 90 16.58 -13.72 -7.56
CA SER A 90 16.19 -14.77 -6.64
C SER A 90 15.20 -15.68 -7.35
N ARG A 91 15.61 -16.93 -7.59
CA ARG A 91 14.76 -17.85 -8.34
C ARG A 91 13.37 -17.95 -7.72
N ASN A 92 13.29 -18.00 -6.39
CA ASN A 92 11.99 -18.07 -5.73
C ASN A 92 11.09 -16.93 -6.16
N ALA A 93 11.66 -15.74 -6.34
CA ALA A 93 10.87 -14.59 -6.76
C ALA A 93 10.43 -14.70 -8.22
N ILE A 94 11.23 -15.35 -9.06
CA ILE A 94 10.83 -15.57 -10.44
C ILE A 94 9.61 -16.48 -10.49
N GLU A 95 9.70 -17.66 -9.85
CA GLU A 95 8.57 -18.57 -9.81
C GLU A 95 7.34 -17.89 -9.21
N ALA A 96 7.53 -17.16 -8.11
CA ALA A 96 6.42 -16.45 -7.50
C ALA A 96 5.76 -15.51 -8.51
N ALA A 97 6.56 -14.80 -9.30
CA ALA A 97 6.01 -13.90 -10.30
C ALA A 97 5.22 -14.68 -11.36
N ALA A 98 5.68 -15.88 -11.70
CA ALA A 98 4.97 -16.69 -12.68
C ALA A 98 3.58 -17.06 -12.19
N GLU A 99 3.45 -17.41 -10.92
CA GLU A 99 2.13 -17.71 -10.37
C GLU A 99 1.23 -16.48 -10.39
N ILE A 100 1.80 -15.31 -10.18
CA ILE A 100 1.02 -14.07 -10.26
C ILE A 100 0.62 -13.79 -11.70
N ALA A 101 1.50 -14.09 -12.65
CA ALA A 101 1.15 -13.94 -14.06
C ALA A 101 0.04 -14.92 -14.45
N LYS A 102 0.02 -16.10 -13.83
CA LYS A 102 -1.07 -17.04 -14.10
C LYS A 102 -2.40 -16.48 -13.61
N ARG A 103 -2.39 -15.80 -12.46
CA ARG A 103 -3.63 -15.23 -11.93
C ARG A 103 -4.16 -14.13 -12.85
N GLY A 104 -3.29 -13.23 -13.28
CA GLY A 104 -3.72 -12.12 -14.12
C GLY A 104 -4.51 -11.06 -13.38
N ASP A 105 -4.22 -10.85 -12.10
CA ASP A 105 -4.83 -9.77 -11.33
C ASP A 105 -3.82 -8.64 -11.22
N SER A 106 -4.11 -7.51 -11.89
CA SER A 106 -3.17 -6.39 -11.89
C SER A 106 -2.97 -5.82 -10.49
N GLU A 107 -3.90 -6.04 -9.57
CA GLU A 107 -3.74 -5.53 -8.22
C GLU A 107 -2.64 -6.28 -7.49
N VAL A 108 -2.64 -7.61 -7.56
CA VAL A 108 -1.61 -8.38 -6.87
C VAL A 108 -0.24 -8.11 -7.46
N ALA A 109 -0.16 -8.11 -8.80
CA ALA A 109 1.12 -7.82 -9.45
C ALA A 109 1.65 -6.47 -9.04
N LEU A 110 0.78 -5.45 -8.97
CA LEU A 110 1.22 -4.12 -8.60
C LEU A 110 1.70 -4.06 -7.16
N ALA A 111 0.87 -4.53 -6.22
CA ALA A 111 1.25 -4.48 -4.81
C ALA A 111 2.51 -5.30 -4.56
N VAL A 112 2.65 -6.43 -5.24
CA VAL A 112 3.87 -7.23 -5.11
C VAL A 112 5.05 -6.53 -5.74
N ALA A 113 4.82 -5.87 -6.89
CA ALA A 113 5.87 -5.09 -7.51
C ALA A 113 6.50 -4.12 -6.51
N LEU A 114 5.65 -3.36 -5.81
CA LEU A 114 6.14 -2.44 -4.80
C LEU A 114 7.03 -3.14 -3.79
N VAL A 115 6.48 -4.13 -3.08
CA VAL A 115 7.27 -4.84 -2.08
C VAL A 115 8.58 -5.31 -2.67
N LEU A 116 8.54 -5.86 -3.88
CA LEU A 116 9.77 -6.31 -4.52
C LEU A 116 10.70 -5.14 -4.80
N SER A 117 10.15 -4.07 -5.41
CA SER A 117 10.96 -2.90 -5.70
C SER A 117 11.52 -2.27 -4.43
N LEU A 118 10.68 -2.13 -3.40
CA LEU A 118 11.14 -1.52 -2.16
C LEU A 118 12.17 -2.40 -1.47
N ALA A 119 12.00 -3.73 -1.55
CA ALA A 119 12.99 -4.63 -0.97
C ALA A 119 14.33 -4.51 -1.69
N ASN A 120 14.29 -4.30 -3.00
CA ASN A 120 15.54 -4.14 -3.75
C ASN A 120 16.25 -2.85 -3.37
N LYS A 121 15.52 -1.75 -3.25
CA LYS A 121 16.13 -0.48 -2.86
C LYS A 121 16.54 -0.45 -1.39
N SER A 122 16.17 -1.46 -0.60
CA SER A 122 16.48 -1.43 0.82
C SER A 122 17.91 -1.88 1.10
N GLY A 123 18.38 -2.90 0.37
CA GLY A 123 19.71 -3.44 0.58
C GLY A 123 19.77 -4.57 1.59
N SER A 124 18.70 -4.80 2.34
CA SER A 124 18.66 -5.93 3.26
C SER A 124 18.25 -7.19 2.49
N ARG A 125 19.03 -8.26 2.66
CA ARG A 125 18.68 -9.51 2.01
C ARG A 125 17.55 -10.24 2.71
N ASN A 126 17.43 -10.08 4.04
CA ASN A 126 16.24 -10.57 4.72
C ASN A 126 14.99 -9.99 4.07
N ALA A 127 15.01 -8.69 3.80
CA ALA A 127 13.87 -8.03 3.16
C ALA A 127 13.60 -8.65 1.80
N ILE A 128 14.62 -8.76 0.95
CA ILE A 128 14.44 -9.34 -0.38
C ILE A 128 13.96 -10.77 -0.25
N GLU A 129 14.50 -11.52 0.72
CA GLU A 129 13.97 -12.84 1.01
C GLU A 129 12.49 -12.76 1.37
N ALA A 130 12.14 -11.83 2.26
CA ALA A 130 10.75 -11.66 2.64
C ALA A 130 9.89 -11.28 1.43
N ALA A 131 10.36 -10.30 0.65
CA ALA A 131 9.57 -9.84 -0.50
C ALA A 131 9.20 -11.00 -1.41
N ALA A 132 10.12 -11.94 -1.61
CA ALA A 132 9.83 -13.11 -2.42
C ALA A 132 8.72 -13.94 -1.78
N GLU A 133 8.78 -14.12 -0.46
CA GLU A 133 7.73 -14.87 0.23
C GLU A 133 6.37 -14.22 0.01
N ILE A 134 6.31 -12.89 0.03
CA ILE A 134 5.04 -12.20 -0.15
C ILE A 134 4.48 -12.50 -1.54
N ALA A 135 5.33 -12.49 -2.56
CA ALA A 135 4.90 -12.80 -3.91
C ALA A 135 4.25 -14.18 -3.99
N LYS A 136 4.85 -15.16 -3.32
CA LYS A 136 4.30 -16.52 -3.32
C LYS A 136 2.93 -16.55 -2.67
N ARG A 137 2.82 -16.01 -1.46
CA ARG A 137 1.52 -15.94 -0.79
C ARG A 137 0.53 -15.12 -1.61
N GLY A 138 1.03 -14.18 -2.42
CA GLY A 138 0.16 -13.41 -3.29
C GLY A 138 -0.99 -12.73 -2.57
N ASP A 139 -0.74 -12.26 -1.35
CA ASP A 139 -1.76 -11.58 -0.56
C ASP A 139 -1.69 -10.09 -0.87
N SER A 140 -2.70 -9.57 -1.58
CA SER A 140 -2.68 -8.17 -1.98
C SER A 140 -2.61 -7.25 -0.76
N GLU A 141 -3.30 -7.61 0.32
CA GLU A 141 -3.33 -6.74 1.50
C GLU A 141 -2.00 -6.74 2.25
N VAL A 142 -1.35 -7.91 2.33
CA VAL A 142 -0.08 -7.99 3.05
C VAL A 142 1.02 -7.28 2.29
N ALA A 143 1.07 -7.46 0.97
CA ALA A 143 2.11 -6.80 0.17
C ALA A 143 2.04 -5.29 0.33
N LEU A 144 0.83 -4.71 0.32
CA LEU A 144 0.71 -3.27 0.48
C LEU A 144 1.13 -2.82 1.87
N ALA A 145 0.61 -3.48 2.91
CA ALA A 145 0.94 -3.10 4.27
C ALA A 145 2.44 -3.20 4.52
N VAL A 146 3.09 -4.23 3.97
CA VAL A 146 4.53 -4.36 4.10
C VAL A 146 5.23 -3.25 3.32
N ALA A 147 4.75 -2.98 2.10
CA ALA A 147 5.35 -1.92 1.30
C ALA A 147 5.36 -0.60 2.06
N LEU A 148 4.32 -0.35 2.85
CA LEU A 148 4.33 0.82 3.73
C LEU A 148 5.51 0.75 4.70
N VAL A 149 5.54 -0.30 5.53
CA VAL A 149 6.61 -0.43 6.50
C VAL A 149 7.98 -0.35 5.82
N LEU A 150 8.09 -0.94 4.63
CA LEU A 150 9.33 -0.83 3.88
C LEU A 150 9.59 0.60 3.43
N SER A 151 8.59 1.22 2.80
CA SER A 151 8.76 2.60 2.35
C SER A 151 9.16 3.51 3.51
N LEU A 152 8.60 3.26 4.70
CA LEU A 152 8.91 4.09 5.86
C LEU A 152 10.29 3.78 6.42
N ALA A 153 10.68 2.50 6.42
CA ALA A 153 12.01 2.16 6.90
C ALA A 153 13.09 2.72 5.98
N ASN A 154 12.87 2.68 4.68
CA ASN A 154 13.84 3.22 3.74
C ASN A 154 14.00 4.72 3.91
N LYS A 155 12.93 5.42 4.32
CA LYS A 155 13.01 6.85 4.53
C LYS A 155 13.57 7.21 5.90
N SER A 156 13.35 6.34 6.90
CA SER A 156 13.84 6.62 8.24
C SER A 156 15.37 6.69 8.27
N GLY A 157 16.02 5.81 7.51
CA GLY A 157 17.48 5.80 7.48
C GLY A 157 18.12 5.26 8.73
N SER A 158 17.56 4.19 9.30
CA SER A 158 18.15 3.49 10.44
C SER A 158 18.18 2.00 10.11
N ARG A 159 19.38 1.46 9.93
CA ARG A 159 19.52 0.09 9.45
C ARG A 159 18.65 -0.90 10.23
N ASN A 160 18.43 -0.64 11.52
CA ASN A 160 17.61 -1.54 12.32
C ASN A 160 16.16 -1.55 11.83
N ALA A 161 15.63 -0.37 11.52
CA ALA A 161 14.25 -0.29 11.03
C ALA A 161 14.07 -1.13 9.76
N ILE A 162 15.05 -1.07 8.85
CA ILE A 162 14.97 -1.88 7.64
C ILE A 162 14.90 -3.36 7.98
N GLU A 163 15.77 -3.82 8.88
CA GLU A 163 15.70 -5.21 9.31
C GLU A 163 14.42 -5.47 10.10
N ALA A 164 13.97 -4.50 10.89
CA ALA A 164 12.67 -4.59 11.52
C ALA A 164 11.57 -4.76 10.48
N ALA A 165 11.66 -3.99 9.40
CA ALA A 165 10.69 -4.13 8.31
C ALA A 165 10.78 -5.50 7.67
N ALA A 166 11.99 -6.03 7.53
CA ALA A 166 12.17 -7.37 6.97
C ALA A 166 11.52 -8.42 7.87
N GLU A 167 11.77 -8.34 9.17
CA GLU A 167 11.14 -9.25 10.11
C GLU A 167 9.62 -9.17 10.01
N ILE A 168 9.07 -7.96 10.09
CA ILE A 168 7.63 -7.78 9.90
C ILE A 168 7.20 -8.41 8.59
N ALA A 169 7.86 -8.03 7.49
CA ALA A 169 7.53 -8.62 6.20
C ALA A 169 7.65 -10.13 6.24
N LYS A 170 8.64 -10.65 6.96
CA LYS A 170 8.82 -12.10 7.03
C LYS A 170 7.60 -12.77 7.65
N ARG A 171 7.09 -12.21 8.76
CA ARG A 171 5.95 -12.81 9.43
C ARG A 171 4.71 -12.79 8.55
N GLY A 172 4.62 -11.83 7.63
CA GLY A 172 3.49 -11.77 6.71
C GLY A 172 2.17 -11.45 7.38
N ASP A 173 2.16 -10.54 8.34
CA ASP A 173 0.95 -10.14 9.05
C ASP A 173 0.62 -8.71 8.65
N SER A 174 -0.54 -8.53 8.04
CA SER A 174 -0.95 -7.18 7.63
C SER A 174 -1.25 -6.30 8.84
N GLU A 175 -1.65 -6.91 9.96
CA GLU A 175 -1.97 -6.13 11.15
C GLU A 175 -0.72 -5.52 11.76
N VAL A 176 0.30 -6.34 12.02
CA VAL A 176 1.54 -5.83 12.60
C VAL A 176 2.17 -4.80 11.68
N ALA A 177 2.14 -5.06 10.36
CA ALA A 177 2.71 -4.10 9.42
C ALA A 177 1.93 -2.79 9.44
N LEU A 178 0.60 -2.87 9.51
CA LEU A 178 -0.21 -1.65 9.52
C LEU A 178 -0.08 -0.92 10.83
N ALA A 179 0.04 -1.65 11.94
CA ALA A 179 0.23 -1.01 13.23
C ALA A 179 1.63 -0.38 13.32
N VAL A 180 2.63 -1.04 12.75
CA VAL A 180 3.99 -0.51 12.82
C VAL A 180 4.14 0.67 11.87
N ALA A 181 3.69 0.52 10.62
CA ALA A 181 3.73 1.63 9.69
C ALA A 181 3.04 2.86 10.27
N LEU A 182 2.07 2.65 11.16
CA LEU A 182 1.38 3.77 11.78
C LEU A 182 2.29 4.52 12.73
N VAL A 183 2.99 3.79 13.60
CA VAL A 183 3.86 4.45 14.56
C VAL A 183 5.03 5.11 13.84
N LEU A 184 5.69 4.37 12.95
CA LEU A 184 6.77 4.95 12.15
C LEU A 184 6.31 6.23 11.46
N SER A 185 5.16 6.16 10.79
CA SER A 185 4.62 7.36 10.14
C SER A 185 4.33 8.46 11.15
N LEU A 186 3.68 8.09 12.26
CA LEU A 186 3.38 9.08 13.29
C LEU A 186 4.64 9.68 13.90
N ALA A 187 5.70 8.88 14.01
CA ALA A 187 6.96 9.41 14.54
C ALA A 187 7.61 10.37 13.56
N ASN A 188 7.56 10.05 12.27
CA ASN A 188 8.22 10.89 11.28
C ASN A 188 7.59 12.28 11.22
N LYS A 189 6.29 12.38 11.49
CA LYS A 189 5.64 13.69 11.51
C LYS A 189 5.82 14.40 12.84
N SER A 190 6.36 13.73 13.85
CA SER A 190 6.61 14.39 15.13
C SER A 190 7.88 15.23 15.09
N GLY A 191 8.83 14.88 14.22
CA GLY A 191 10.12 15.52 14.21
C GLY A 191 10.98 15.24 15.42
N SER A 192 10.52 14.41 16.35
CA SER A 192 11.24 14.10 17.58
C SER A 192 12.14 12.90 17.33
N ARG A 193 13.46 13.12 17.32
CA ARG A 193 14.39 12.04 17.04
C ARG A 193 14.26 10.92 18.06
N ASN A 194 13.90 11.24 19.30
CA ASN A 194 13.69 10.19 20.29
C ASN A 194 12.43 9.40 19.99
N ALA A 195 11.37 10.07 19.55
CA ALA A 195 10.17 9.36 19.11
C ALA A 195 10.49 8.45 17.93
N ILE A 196 11.18 8.99 16.92
CA ILE A 196 11.60 8.16 15.79
C ILE A 196 12.48 7.03 16.28
N GLU A 197 13.34 7.30 17.28
CA GLU A 197 14.20 6.26 17.83
C GLU A 197 13.37 5.17 18.48
N ALA A 198 12.40 5.57 19.32
CA ALA A 198 11.56 4.59 19.99
C ALA A 198 10.68 3.85 18.99
N ALA A 199 10.19 4.54 17.96
CA ALA A 199 9.36 3.89 16.96
C ALA A 199 10.10 2.72 16.32
N ALA A 200 11.40 2.89 16.05
CA ALA A 200 12.20 1.80 15.52
C ALA A 200 12.29 0.66 16.53
N GLU A 201 12.25 0.97 17.82
CA GLU A 201 12.29 -0.09 18.83
C GLU A 201 11.01 -0.90 18.81
N ILE A 202 9.88 -0.25 18.56
CA ILE A 202 8.60 -0.95 18.52
C ILE A 202 8.57 -1.93 17.38
N ALA A 203 8.98 -1.49 16.18
CA ALA A 203 8.96 -2.37 15.02
C ALA A 203 9.83 -3.60 15.24
N LYS A 204 11.02 -3.40 15.84
CA LYS A 204 11.86 -4.55 16.18
C LYS A 204 11.10 -5.51 17.08
N ARG A 205 10.48 -5.00 18.14
CA ARG A 205 9.69 -5.84 19.03
C ARG A 205 8.65 -6.65 18.25
N GLY A 206 7.89 -5.97 17.40
CA GLY A 206 6.93 -6.65 16.54
C GLY A 206 5.61 -7.00 17.19
N ASP A 207 5.14 -6.19 18.12
CA ASP A 207 3.90 -6.45 18.85
C ASP A 207 2.81 -5.52 18.35
N SER A 208 1.73 -6.10 17.85
CA SER A 208 0.65 -5.29 17.28
C SER A 208 -0.03 -4.44 18.36
N GLU A 209 -0.31 -5.04 19.51
CA GLU A 209 -1.00 -4.30 20.57
C GLU A 209 -0.15 -3.14 21.06
N VAL A 210 1.17 -3.33 21.13
CA VAL A 210 2.05 -2.26 21.61
C VAL A 210 2.08 -1.12 20.59
N ALA A 211 2.31 -1.43 19.32
CA ALA A 211 2.40 -0.40 18.30
C ALA A 211 1.12 0.44 18.25
N LEU A 212 -0.04 -0.23 18.19
CA LEU A 212 -1.30 0.50 18.13
C LEU A 212 -1.45 1.42 19.34
N ALA A 213 -1.39 0.84 20.54
CA ALA A 213 -1.50 1.64 21.75
C ALA A 213 -0.54 2.84 21.70
N VAL A 214 0.66 2.63 21.18
CA VAL A 214 1.62 3.72 21.02
C VAL A 214 1.16 4.66 19.90
N ALA A 215 0.70 4.09 18.78
CA ALA A 215 0.21 4.92 17.69
C ALA A 215 -0.86 5.89 18.19
N LEU A 216 -1.77 5.40 19.04
CA LEU A 216 -2.74 6.28 19.68
C LEU A 216 -2.05 7.46 20.35
N VAL A 217 -1.19 7.16 21.35
CA VAL A 217 -0.54 8.20 22.13
C VAL A 217 0.09 9.23 21.20
N LEU A 218 0.88 8.77 20.23
CA LEU A 218 1.51 9.69 19.29
C LEU A 218 0.46 10.50 18.54
N SER A 219 -0.57 9.83 18.02
CA SER A 219 -1.65 10.54 17.33
C SER A 219 -2.21 11.64 18.22
N LEU A 220 -2.36 11.35 19.51
CA LEU A 220 -2.95 12.33 20.42
C LEU A 220 -1.94 13.42 20.78
N ALA A 221 -0.68 13.04 21.02
CA ALA A 221 0.34 14.04 21.33
C ALA A 221 0.50 15.03 20.18
N ASN A 222 0.66 14.51 18.96
CA ASN A 222 0.81 15.39 17.80
C ASN A 222 -0.42 16.27 17.62
N LYS A 223 -1.61 15.72 17.84
CA LYS A 223 -2.82 16.51 17.67
C LYS A 223 -2.87 17.65 18.68
N SER A 224 -2.57 17.34 19.95
CA SER A 224 -2.59 18.38 20.98
C SER A 224 -1.53 19.44 20.74
N GLY A 225 -0.50 19.13 19.96
CA GLY A 225 0.51 20.12 19.61
C GLY A 225 1.41 20.52 20.75
N SER A 226 1.62 19.65 21.73
CA SER A 226 2.52 19.90 22.84
C SER A 226 3.78 19.05 22.66
N ARG A 227 4.94 19.70 22.62
CA ARG A 227 6.19 18.96 22.49
C ARG A 227 6.45 18.10 23.72
N ASN A 228 6.02 18.56 24.91
CA ASN A 228 6.11 17.72 26.09
C ASN A 228 5.31 16.43 25.89
N ALA A 229 4.08 16.56 25.40
CA ALA A 229 3.26 15.38 25.12
C ALA A 229 3.99 14.43 24.18
N ILE A 230 4.57 14.96 23.10
CA ILE A 230 5.26 14.11 22.13
C ILE A 230 6.45 13.42 22.78
N GLU A 231 7.30 14.20 23.45
CA GLU A 231 8.46 13.61 24.10
C GLU A 231 8.05 12.64 25.20
N ALA A 232 7.00 12.98 25.95
CA ALA A 232 6.44 12.01 26.89
C ALA A 232 5.97 10.75 26.16
N ALA A 233 5.22 10.95 25.07
CA ALA A 233 4.80 9.82 24.25
C ALA A 233 5.98 8.97 23.81
N ALA A 234 7.05 9.62 23.35
CA ALA A 234 8.24 8.88 22.95
C ALA A 234 8.80 8.08 24.11
N GLU A 235 8.81 8.67 25.31
CA GLU A 235 9.22 7.91 26.50
C GLU A 235 8.36 6.67 26.67
N ILE A 236 7.03 6.84 26.57
CA ILE A 236 6.12 5.70 26.67
C ILE A 236 6.49 4.64 25.64
N ALA A 237 6.73 5.07 24.40
CA ALA A 237 7.09 4.11 23.35
C ALA A 237 8.32 3.31 23.74
N LYS A 238 9.33 3.98 24.29
CA LYS A 238 10.55 3.27 24.70
C LYS A 238 10.24 2.20 25.74
N ARG A 239 9.40 2.53 26.72
CA ARG A 239 9.01 1.54 27.72
C ARG A 239 8.32 0.34 27.07
N GLY A 240 7.50 0.58 26.04
CA GLY A 240 6.83 -0.50 25.37
C GLY A 240 5.75 -1.18 26.20
N ASP A 241 5.20 -0.49 27.19
CA ASP A 241 4.18 -1.06 28.07
C ASP A 241 2.81 -0.70 27.51
N SER A 242 2.12 -1.69 26.94
CA SER A 242 0.84 -1.45 26.30
C SER A 242 -0.18 -0.87 27.28
N GLU A 243 -0.25 -1.42 28.50
CA GLU A 243 -1.22 -0.92 29.46
C GLU A 243 -0.97 0.53 29.81
N VAL A 244 0.29 0.94 29.85
CA VAL A 244 0.61 2.32 30.23
C VAL A 244 0.32 3.28 29.09
N ALA A 245 0.47 2.84 27.84
CA ALA A 245 0.16 3.70 26.71
C ALA A 245 -1.33 4.04 26.65
N LEU A 246 -2.18 3.06 26.93
CA LEU A 246 -3.62 3.30 26.88
C LEU A 246 -4.07 4.21 28.01
N LYS A 247 -3.47 4.06 29.19
CA LYS A 247 -3.80 4.96 30.30
C LYS A 247 -3.47 6.41 29.95
N VAL A 248 -2.26 6.64 29.43
CA VAL A 248 -1.89 7.99 29.00
C VAL A 248 -2.73 8.40 27.79
N ALA A 249 -3.02 7.45 26.90
CA ALA A 249 -3.90 7.76 25.78
C ALA A 249 -5.24 8.29 26.26
N LEU A 250 -5.81 7.65 27.29
CA LEU A 250 -7.07 8.14 27.85
C LEU A 250 -6.88 9.52 28.47
N GLU A 251 -5.85 9.67 29.30
CA GLU A 251 -5.57 10.96 29.89
C GLU A 251 -5.29 12.00 28.81
N LEU A 252 -4.60 11.61 27.73
CA LEU A 252 -4.30 12.56 26.67
C LEU A 252 -5.53 12.87 25.83
N SER A 253 -6.33 11.84 25.52
CA SER A 253 -7.48 12.04 24.64
C SER A 253 -8.43 13.10 25.20
N GLN A 254 -8.66 13.07 26.51
CA GLN A 254 -9.65 13.95 27.12
C GLN A 254 -9.16 15.39 27.19
N ALA A 255 -7.85 15.60 27.24
CA ALA A 255 -7.33 16.96 27.14
C ALA A 255 -7.43 17.49 25.71
N ASN A 256 -7.18 16.63 24.72
CA ASN A 256 -7.31 17.04 23.33
C ASN A 256 -8.73 17.50 23.03
N LYS A 257 -9.73 16.96 23.75
CA LYS A 257 -11.11 17.36 23.53
C LYS A 257 -11.42 18.70 24.19
N ASN A 258 -10.91 18.92 25.41
CA ASN A 258 -11.16 20.16 26.12
C ASN A 258 -10.26 21.29 25.66
N GLY A 259 -9.07 20.96 25.14
CA GLY A 259 -8.15 21.97 24.67
C GLY A 259 -7.39 22.70 25.75
N SER A 260 -7.42 22.21 26.99
CA SER A 260 -6.74 22.87 28.09
C SER A 260 -5.23 22.78 27.92
N ARG A 261 -4.64 23.75 27.20
CA ARG A 261 -3.20 23.77 27.01
C ARG A 261 -2.46 23.60 28.34
N ASP A 262 -3.06 24.07 29.44
CA ASP A 262 -2.48 23.82 30.75
C ASP A 262 -2.67 22.37 31.18
N GLU A 263 -3.74 21.73 30.72
CA GLU A 263 -3.99 20.34 31.09
C GLU A 263 -3.16 19.37 30.26
N ILE A 264 -3.08 19.58 28.95
CA ILE A 264 -2.31 18.68 28.09
C ILE A 264 -0.89 18.52 28.63
N GLU A 265 -0.24 19.65 28.93
CA GLU A 265 1.09 19.61 29.52
C GLU A 265 1.09 18.91 30.87
N LYS A 266 -0.06 18.87 31.56
CA LYS A 266 -0.14 18.19 32.85
C LYS A 266 -0.14 16.68 32.68
N ALA A 267 -0.97 16.16 31.76
CA ALA A 267 -0.99 14.73 31.50
C ALA A 267 0.27 14.25 30.80
N ALA A 268 0.96 15.13 30.08
CA ALA A 268 2.23 14.77 29.47
C ALA A 268 3.28 14.47 30.53
N GLU A 269 3.36 15.32 31.57
CA GLU A 269 4.28 15.04 32.66
C GLU A 269 3.89 13.78 33.41
N ASN A 270 2.58 13.59 33.65
CA ASN A 270 2.12 12.39 34.34
C ASN A 270 2.60 11.12 33.64
N ALA A 271 2.63 11.14 32.31
CA ALA A 271 3.06 9.97 31.56
C ALA A 271 4.52 9.62 31.79
N LYS A 272 5.33 10.59 32.23
CA LYS A 272 6.75 10.34 32.47
C LYS A 272 6.94 9.34 33.61
N LYS B 8 15.29 -4.48 -33.36
CA LYS B 8 13.97 -4.09 -33.81
C LYS B 8 13.30 -3.17 -32.79
N ALA B 9 13.47 -3.50 -31.51
CA ALA B 9 12.87 -2.69 -30.45
C ALA B 9 13.33 -1.24 -30.55
N VAL B 10 14.62 -1.03 -30.82
CA VAL B 10 15.11 0.33 -31.02
C VAL B 10 14.41 0.98 -32.21
N SER B 11 14.11 0.20 -33.24
CA SER B 11 13.37 0.73 -34.38
C SER B 11 12.00 1.22 -33.96
N LEU B 12 11.27 0.42 -33.19
CA LEU B 12 9.95 0.84 -32.71
C LEU B 12 10.06 2.05 -31.80
N VAL B 13 11.07 2.07 -30.94
CA VAL B 13 11.30 3.25 -30.10
C VAL B 13 11.75 4.43 -30.96
N GLU B 14 12.62 4.16 -31.95
CA GLU B 14 13.11 5.22 -32.81
C GLU B 14 11.97 5.79 -33.66
N GLU B 15 11.15 4.93 -34.26
CA GLU B 15 10.03 5.41 -35.05
C GLU B 15 9.07 6.22 -34.19
N LEU B 16 8.71 5.70 -33.02
CA LEU B 16 7.81 6.41 -32.13
C LEU B 16 8.47 7.66 -31.55
N ALA B 17 9.79 7.62 -31.36
CA ALA B 17 10.50 8.79 -30.84
C ALA B 17 10.57 9.89 -31.89
N GLN B 18 11.19 9.60 -33.03
CA GLN B 18 11.28 10.59 -34.11
C GLN B 18 9.90 11.15 -34.44
N LYS B 19 8.94 10.27 -34.67
CA LYS B 19 7.57 10.70 -34.96
C LYS B 19 7.01 11.49 -33.78
N ARG B 33 19.44 3.50 -28.19
CA ARG B 33 19.87 2.80 -29.40
C ARG B 33 21.30 2.29 -29.23
N LYS B 34 22.21 3.21 -28.87
CA LYS B 34 23.60 2.83 -28.63
C LYS B 34 23.74 1.90 -27.44
N ARG B 35 22.77 1.90 -26.52
CA ARG B 35 22.82 1.01 -25.37
C ARG B 35 22.39 -0.41 -25.75
N GLY B 36 21.24 -0.55 -26.40
CA GLY B 36 20.81 -1.83 -26.91
C GLY B 36 20.22 -2.78 -25.89
N ASP B 37 19.45 -2.27 -24.94
CA ASP B 37 18.77 -3.08 -23.94
C ASP B 37 17.29 -3.18 -24.33
N SER B 38 16.83 -4.40 -24.62
CA SER B 38 15.48 -4.59 -25.14
C SER B 38 14.44 -4.04 -24.18
N GLU B 39 14.45 -4.53 -22.93
CA GLU B 39 13.44 -4.11 -21.96
C GLU B 39 13.32 -2.59 -21.92
N VAL B 40 14.44 -1.90 -21.67
CA VAL B 40 14.43 -0.44 -21.69
C VAL B 40 13.84 0.07 -23.00
N ALA B 41 14.25 -0.54 -24.12
CA ALA B 41 13.74 -0.11 -25.42
C ALA B 41 12.23 -0.24 -25.49
N LEU B 42 11.72 -1.44 -25.26
CA LEU B 42 10.26 -1.63 -25.23
C LEU B 42 9.64 -0.75 -24.15
N ALA B 43 10.19 -0.79 -22.94
CA ALA B 43 9.66 0.02 -21.85
C ALA B 43 9.49 1.47 -22.27
N VAL B 44 10.48 2.03 -22.95
CA VAL B 44 10.40 3.44 -23.35
C VAL B 44 9.41 3.61 -24.48
N ALA B 45 9.40 2.68 -25.44
CA ALA B 45 8.40 2.72 -26.50
C ALA B 45 7.01 2.91 -25.91
N LEU B 46 6.71 2.15 -24.85
CA LEU B 46 5.46 2.35 -24.12
C LEU B 46 5.34 3.79 -23.65
N VAL B 47 6.38 4.30 -22.97
CA VAL B 47 6.31 5.63 -22.39
C VAL B 47 6.08 6.67 -23.48
N LEU B 48 6.64 6.45 -24.67
CA LEU B 48 6.43 7.39 -25.77
C LEU B 48 5.17 7.07 -26.57
N SER B 49 4.91 5.78 -26.82
CA SER B 49 3.66 5.42 -27.48
C SER B 49 2.46 5.91 -26.69
N LEU B 50 2.54 5.86 -25.36
CA LEU B 50 1.44 6.36 -24.53
C LEU B 50 1.40 7.87 -24.48
N ALA B 51 2.56 8.53 -24.56
CA ALA B 51 2.59 9.98 -24.50
C ALA B 51 2.11 10.61 -25.81
N ASN B 52 2.49 10.03 -26.95
CA ASN B 52 2.17 10.63 -28.23
C ASN B 52 0.68 10.65 -28.52
N LYS B 53 -0.11 9.78 -27.88
CA LYS B 53 -1.55 9.77 -28.05
C LYS B 53 -2.29 10.37 -26.85
N SER B 54 -1.61 11.20 -26.06
CA SER B 54 -2.20 11.78 -24.87
C SER B 54 -2.56 13.25 -25.08
N SER B 56 -1.49 16.00 -23.95
CA SER B 56 -0.73 16.78 -23.00
C SER B 56 0.68 17.04 -23.52
N ARG B 57 0.97 18.29 -23.85
CA ARG B 57 2.32 18.66 -24.30
C ARG B 57 3.35 18.25 -23.24
N ASN B 58 3.09 18.58 -21.98
CA ASN B 58 4.00 18.18 -20.92
C ASN B 58 4.16 16.67 -20.86
N ALA B 59 3.09 15.92 -21.19
CA ALA B 59 3.18 14.47 -21.16
C ALA B 59 4.23 13.97 -22.14
N ILE B 60 4.16 14.44 -23.39
CA ILE B 60 5.17 14.06 -24.38
C ILE B 60 6.56 14.46 -23.90
N GLU B 61 6.69 15.67 -23.32
CA GLU B 61 7.98 16.13 -22.84
C GLU B 61 8.50 15.22 -21.72
N ALA B 62 7.62 14.88 -20.77
CA ALA B 62 8.03 14.02 -19.67
C ALA B 62 8.50 12.67 -20.19
N ALA B 63 7.72 12.06 -21.09
CA ALA B 63 8.09 10.76 -21.64
C ALA B 63 9.50 10.79 -22.21
N ALA B 64 9.90 11.92 -22.80
CA ALA B 64 11.25 12.04 -23.33
C ALA B 64 12.28 11.97 -22.21
N GLU B 65 12.04 12.72 -21.12
CA GLU B 65 12.98 12.71 -20.01
C GLU B 65 13.25 11.30 -19.52
N ILE B 66 12.21 10.46 -19.48
CA ILE B 66 12.39 9.08 -19.04
C ILE B 66 13.28 8.33 -20.02
N ALA B 67 13.02 8.48 -21.31
CA ALA B 67 13.85 7.83 -22.32
C ALA B 67 15.31 8.16 -22.11
N LYS B 68 15.63 9.44 -21.89
CA LYS B 68 17.00 9.82 -21.60
C LYS B 68 17.52 9.19 -20.32
N ARG B 69 16.62 8.84 -19.40
CA ARG B 69 17.05 8.21 -18.15
C ARG B 69 17.55 6.80 -18.38
N GLY B 70 16.85 6.02 -19.21
CA GLY B 70 17.26 4.67 -19.51
C GLY B 70 17.17 3.74 -18.32
N ASP B 71 16.06 3.79 -17.61
CA ASP B 71 15.79 2.91 -16.47
C ASP B 71 14.66 1.95 -16.84
N SER B 72 14.92 0.65 -16.68
CA SER B 72 13.92 -0.35 -17.01
C SER B 72 12.71 -0.26 -16.08
N GLU B 73 12.96 -0.23 -14.77
CA GLU B 73 11.87 -0.23 -13.81
C GLU B 73 11.03 1.03 -13.91
N VAL B 74 11.67 2.19 -14.03
CA VAL B 74 10.95 3.45 -13.97
C VAL B 74 10.05 3.61 -15.21
N ALA B 75 10.57 3.28 -16.39
CA ALA B 75 9.82 3.51 -17.61
C ALA B 75 8.48 2.78 -17.59
N LEU B 76 8.43 1.59 -17.00
CA LEU B 76 7.18 0.84 -16.96
C LEU B 76 6.19 1.49 -16.00
N ALA B 77 6.63 1.78 -14.77
CA ALA B 77 5.75 2.40 -13.79
C ALA B 77 5.10 3.65 -14.36
N VAL B 78 5.87 4.49 -15.05
CA VAL B 78 5.30 5.69 -15.65
C VAL B 78 4.27 5.31 -16.71
N ALA B 79 4.68 4.51 -17.69
CA ALA B 79 3.74 4.03 -18.69
C ALA B 79 2.47 3.51 -18.04
N LEU B 80 2.63 2.81 -16.92
CA LEU B 80 1.48 2.27 -16.20
C LEU B 80 0.58 3.39 -15.69
N VAL B 81 1.15 4.30 -14.89
CA VAL B 81 0.38 5.46 -14.45
C VAL B 81 -0.21 6.18 -15.66
N LEU B 82 0.56 6.25 -16.75
CA LEU B 82 0.05 6.88 -17.96
C LEU B 82 -1.08 6.06 -18.57
N SER B 83 -0.88 4.74 -18.68
CA SER B 83 -1.95 3.88 -19.18
C SER B 83 -3.22 4.04 -18.37
N LEU B 84 -3.09 4.08 -17.04
CA LEU B 84 -4.24 4.29 -16.17
C LEU B 84 -4.77 5.72 -16.26
N ALA B 85 -3.94 6.67 -16.68
CA ALA B 85 -4.39 8.06 -16.77
C ALA B 85 -5.37 8.24 -17.93
N ASN B 86 -5.14 7.56 -19.05
CA ASN B 86 -6.05 7.67 -20.18
C ASN B 86 -7.36 6.92 -19.92
N LYS B 87 -7.30 5.84 -19.13
CA LYS B 87 -8.50 5.05 -18.89
C LYS B 87 -9.54 5.83 -18.08
N SER B 88 -9.10 6.53 -17.03
CA SER B 88 -10.02 7.38 -16.29
C SER B 88 -10.51 8.53 -17.15
N GLY B 89 -9.63 9.11 -17.97
CA GLY B 89 -9.96 10.25 -18.79
C GLY B 89 -9.69 11.59 -18.14
N SER B 90 -9.78 11.65 -16.81
CA SER B 90 -9.54 12.90 -16.08
C SER B 90 -8.22 13.52 -16.51
N ARG B 91 -8.27 14.58 -17.33
CA ARG B 91 -7.05 15.23 -17.78
C ARG B 91 -6.13 15.53 -16.60
N ASN B 92 -6.71 15.90 -15.46
CA ASN B 92 -5.92 16.05 -14.24
C ASN B 92 -5.11 14.80 -13.96
N ALA B 93 -5.65 13.63 -14.29
CA ALA B 93 -4.88 12.40 -14.17
C ALA B 93 -3.77 12.35 -15.22
N ILE B 94 -4.07 12.80 -16.44
CA ILE B 94 -3.05 12.82 -17.48
C ILE B 94 -1.96 13.82 -17.13
N GLU B 95 -2.35 15.01 -16.67
CA GLU B 95 -1.36 16.01 -16.26
C GLU B 95 -0.58 15.56 -15.04
N ALA B 96 -1.27 14.94 -14.07
CA ALA B 96 -0.57 14.47 -12.88
C ALA B 96 0.42 13.37 -13.23
N ALA B 97 0.06 12.48 -14.16
CA ALA B 97 1.00 11.47 -14.63
C ALA B 97 2.23 12.12 -15.25
N ALA B 98 2.05 13.27 -15.92
CA ALA B 98 3.18 13.97 -16.51
C ALA B 98 4.19 14.37 -15.43
N GLU B 99 3.72 14.91 -14.31
CA GLU B 99 4.65 15.35 -13.27
C GLU B 99 5.37 14.15 -12.63
N ILE B 100 4.63 13.06 -12.38
CA ILE B 100 5.28 11.86 -11.87
C ILE B 100 6.33 11.36 -12.85
N ALA B 101 6.03 11.44 -14.14
CA ALA B 101 7.02 11.10 -15.16
C ALA B 101 8.22 12.05 -15.09
N LYS B 102 7.99 13.31 -14.74
CA LYS B 102 9.09 14.25 -14.59
C LYS B 102 9.89 13.95 -13.32
N ARG B 103 9.20 13.55 -12.25
CA ARG B 103 9.90 13.22 -11.01
C ARG B 103 10.77 11.97 -11.19
N GLY B 104 10.30 11.00 -11.96
CA GLY B 104 11.09 9.83 -12.27
C GLY B 104 11.39 8.93 -11.09
N ASP B 105 10.55 8.95 -10.06
CA ASP B 105 10.68 8.04 -8.93
C ASP B 105 9.68 6.90 -9.08
N SER B 106 10.19 5.68 -9.19
CA SER B 106 9.33 4.52 -9.43
C SER B 106 8.42 4.26 -8.24
N GLU B 107 8.85 4.60 -7.03
CA GLU B 107 8.00 4.39 -5.87
C GLU B 107 6.73 5.22 -5.96
N VAL B 108 6.86 6.50 -6.31
CA VAL B 108 5.70 7.36 -6.40
C VAL B 108 4.77 6.92 -7.52
N ALA B 109 5.34 6.58 -8.67
CA ALA B 109 4.53 6.17 -9.82
C ALA B 109 3.73 4.93 -9.49
N LEU B 110 4.39 3.91 -8.91
CA LEU B 110 3.69 2.65 -8.62
C LEU B 110 2.54 2.86 -7.65
N ALA B 111 2.81 3.53 -6.53
CA ALA B 111 1.75 3.74 -5.54
C ALA B 111 0.59 4.52 -6.14
N VAL B 112 0.88 5.47 -7.04
CA VAL B 112 -0.19 6.19 -7.71
C VAL B 112 -0.90 5.27 -8.70
N ALA B 113 -0.16 4.35 -9.32
CA ALA B 113 -0.79 3.36 -10.17
C ALA B 113 -1.86 2.59 -9.40
N LEU B 114 -1.50 2.07 -8.23
CA LEU B 114 -2.46 1.33 -7.41
C LEU B 114 -3.69 2.18 -7.12
N VAL B 115 -3.50 3.37 -6.55
CA VAL B 115 -4.64 4.21 -6.24
C VAL B 115 -5.47 4.45 -7.49
N LEU B 116 -4.81 4.69 -8.62
CA LEU B 116 -5.55 4.92 -9.86
C LEU B 116 -6.26 3.65 -10.32
N SER B 117 -5.52 2.53 -10.36
CA SER B 117 -6.12 1.27 -10.77
C SER B 117 -7.30 0.90 -9.86
N LEU B 118 -7.14 1.10 -8.55
CA LEU B 118 -8.21 0.74 -7.63
C LEU B 118 -9.39 1.69 -7.76
N ALA B 119 -9.12 2.98 -7.98
CA ALA B 119 -10.22 3.92 -8.19
C ALA B 119 -11.03 3.54 -9.42
N ASN B 120 -10.36 3.10 -10.48
CA ASN B 120 -11.07 2.67 -11.69
C ASN B 120 -11.92 1.45 -11.42
N LYS B 121 -11.34 0.42 -10.81
CA LYS B 121 -12.12 -0.74 -10.38
C LYS B 121 -13.12 -0.38 -9.29
N SER B 122 -12.99 0.81 -8.69
CA SER B 122 -13.91 1.21 -7.63
C SER B 122 -15.32 1.41 -8.15
N GLY B 123 -15.46 1.99 -9.34
CA GLY B 123 -16.76 2.34 -9.85
C GLY B 123 -17.35 3.58 -9.20
N SER B 124 -16.51 4.46 -8.68
CA SER B 124 -16.94 5.69 -8.04
C SER B 124 -16.20 6.85 -8.69
N ARG B 125 -16.95 7.90 -9.06
CA ARG B 125 -16.30 9.06 -9.65
C ARG B 125 -15.63 9.94 -8.58
N ASN B 126 -16.10 9.88 -7.34
CA ASN B 126 -15.37 10.51 -6.26
C ASN B 126 -13.99 9.88 -6.11
N ALA B 127 -13.94 8.54 -6.10
CA ALA B 127 -12.66 7.85 -6.00
C ALA B 127 -11.76 8.21 -7.18
N ILE B 128 -12.33 8.28 -8.38
CA ILE B 128 -11.53 8.64 -9.55
C ILE B 128 -11.03 10.08 -9.42
N GLU B 129 -11.91 10.99 -9.00
CA GLU B 129 -11.49 12.37 -8.78
C GLU B 129 -10.47 12.46 -7.65
N ALA B 130 -10.68 11.71 -6.57
CA ALA B 130 -9.73 11.71 -5.48
C ALA B 130 -8.38 11.17 -5.93
N ALA B 131 -8.38 10.05 -6.67
CA ALA B 131 -7.13 9.44 -7.10
C ALA B 131 -6.29 10.42 -7.91
N ALA B 132 -6.92 11.12 -8.85
CA ALA B 132 -6.20 12.13 -9.62
C ALA B 132 -5.59 13.18 -8.70
N GLU B 133 -6.32 13.57 -7.65
CA GLU B 133 -5.79 14.55 -6.71
C GLU B 133 -4.54 14.03 -6.01
N ILE B 134 -4.54 12.75 -5.65
CA ILE B 134 -3.37 12.14 -5.03
C ILE B 134 -2.21 12.09 -6.01
N ALA B 135 -2.50 11.93 -7.30
CA ALA B 135 -1.44 11.91 -8.30
C ALA B 135 -0.70 13.24 -8.34
N LYS B 136 -1.45 14.35 -8.34
CA LYS B 136 -0.82 15.66 -8.35
C LYS B 136 0.11 15.82 -7.15
N ARG B 137 -0.42 15.62 -5.94
CA ARG B 137 0.40 15.76 -4.74
C ARG B 137 1.58 14.80 -4.75
N GLY B 138 1.42 13.65 -5.40
CA GLY B 138 2.54 12.73 -5.56
C GLY B 138 3.15 12.25 -4.27
N ASP B 139 2.37 12.16 -3.20
CA ASP B 139 2.87 11.66 -1.93
C ASP B 139 2.78 10.13 -1.94
N SER B 140 3.93 9.47 -1.84
CA SER B 140 3.95 8.01 -1.86
C SER B 140 3.20 7.43 -0.67
N GLU B 141 3.45 7.95 0.53
CA GLU B 141 2.84 7.38 1.73
C GLU B 141 1.32 7.46 1.68
N VAL B 142 0.78 8.57 1.19
CA VAL B 142 -0.67 8.75 1.18
C VAL B 142 -1.32 7.78 0.18
N ALA B 143 -0.75 7.68 -1.01
CA ALA B 143 -1.35 6.83 -2.04
C ALA B 143 -1.41 5.38 -1.59
N LEU B 144 -0.34 4.86 -0.99
CA LEU B 144 -0.36 3.47 -0.53
C LEU B 144 -1.45 3.26 0.51
N ALA B 145 -1.49 4.13 1.53
CA ALA B 145 -2.50 3.98 2.57
C ALA B 145 -3.91 4.16 1.98
N VAL B 146 -4.06 5.12 1.08
CA VAL B 146 -5.34 5.27 0.38
C VAL B 146 -5.64 4.02 -0.44
N ALA B 147 -4.64 3.50 -1.14
CA ALA B 147 -4.84 2.28 -1.94
C ALA B 147 -5.27 1.11 -1.07
N LEU B 148 -4.77 1.05 0.17
CA LEU B 148 -5.25 0.05 1.11
C LEU B 148 -6.74 0.21 1.37
N VAL B 149 -7.14 1.38 1.88
CA VAL B 149 -8.54 1.63 2.17
C VAL B 149 -9.40 1.37 0.94
N LEU B 150 -8.88 1.65 -0.24
CA LEU B 150 -9.62 1.34 -1.46
C LEU B 150 -9.69 -0.16 -1.70
N SER B 151 -8.56 -0.85 -1.57
CA SER B 151 -8.56 -2.29 -1.77
C SER B 151 -9.55 -2.98 -0.84
N LEU B 152 -9.70 -2.46 0.38
CA LEU B 152 -10.61 -3.05 1.35
C LEU B 152 -12.07 -2.70 1.02
N ALA B 153 -12.34 -1.45 0.67
CA ALA B 153 -13.70 -1.06 0.32
C ALA B 153 -14.19 -1.80 -0.91
N ASN B 154 -13.30 -2.04 -1.87
CA ASN B 154 -13.67 -2.81 -3.05
C ASN B 154 -14.02 -4.25 -2.71
N LYS B 155 -13.36 -4.82 -1.69
CA LYS B 155 -13.65 -6.19 -1.29
C LYS B 155 -14.84 -6.26 -0.33
N SER B 156 -15.11 -5.20 0.41
CA SER B 156 -16.16 -5.25 1.42
C SER B 156 -17.52 -5.50 0.79
N GLY B 157 -17.77 -4.90 -0.37
CA GLY B 157 -19.06 -5.05 -1.02
C GLY B 157 -20.18 -4.25 -0.40
N SER B 158 -19.92 -2.99 -0.06
CA SER B 158 -20.94 -2.08 0.46
C SER B 158 -20.75 -0.73 -0.21
N ARG B 159 -21.77 -0.27 -0.94
CA ARG B 159 -21.66 0.99 -1.66
C ARG B 159 -21.20 2.12 -0.75
N ASN B 160 -21.61 2.10 0.52
CA ASN B 160 -21.23 3.18 1.43
C ASN B 160 -19.74 3.16 1.71
N ALA B 161 -19.14 1.97 1.83
CA ALA B 161 -17.72 1.89 2.17
C ALA B 161 -16.86 2.50 1.07
N ILE B 162 -17.21 2.25 -0.20
CA ILE B 162 -16.43 2.81 -1.31
C ILE B 162 -16.43 4.33 -1.25
N GLU B 163 -17.58 4.93 -0.92
CA GLU B 163 -17.64 6.38 -0.82
C GLU B 163 -16.88 6.89 0.40
N ALA B 164 -16.92 6.12 1.49
CA ALA B 164 -16.08 6.44 2.64
C ALA B 164 -14.61 6.51 2.24
N ALA B 165 -14.16 5.51 1.47
CA ALA B 165 -12.78 5.51 0.99
C ALA B 165 -12.52 6.75 0.13
N ALA B 166 -13.44 7.07 -0.78
CA ALA B 166 -13.29 8.27 -1.59
C ALA B 166 -13.13 9.50 -0.70
N GLU B 167 -14.02 9.65 0.29
CA GLU B 167 -13.89 10.75 1.22
C GLU B 167 -12.52 10.74 1.89
N ILE B 168 -12.09 9.57 2.36
CA ILE B 168 -10.77 9.46 2.99
C ILE B 168 -9.69 9.87 2.00
N ALA B 169 -9.69 9.25 0.83
CA ALA B 169 -8.68 9.56 -0.18
C ALA B 169 -8.70 11.05 -0.53
N LYS B 170 -9.90 11.65 -0.56
CA LYS B 170 -10.00 13.07 -0.87
C LYS B 170 -9.24 13.91 0.15
N ARG B 171 -9.41 13.59 1.45
CA ARG B 171 -8.72 14.34 2.48
C ARG B 171 -7.20 14.27 2.32
N GLY B 172 -6.70 13.18 1.74
CA GLY B 172 -5.27 13.04 1.57
C GLY B 172 -4.51 12.92 2.87
N ASP B 173 -5.02 12.14 3.81
CA ASP B 173 -4.40 11.97 5.12
C ASP B 173 -3.90 10.53 5.23
N SER B 174 -2.60 10.38 5.49
CA SER B 174 -2.04 9.04 5.65
C SER B 174 -2.53 8.36 6.92
N GLU B 175 -2.85 9.15 7.96
CA GLU B 175 -3.20 8.56 9.25
C GLU B 175 -4.62 7.99 9.25
N VAL B 176 -5.58 8.73 8.70
CA VAL B 176 -6.95 8.24 8.66
C VAL B 176 -7.05 7.00 7.80
N ALA B 177 -6.40 7.03 6.62
CA ALA B 177 -6.37 5.86 5.76
C ALA B 177 -5.78 4.66 6.49
N LEU B 178 -4.69 4.87 7.23
CA LEU B 178 -4.05 3.77 7.92
C LEU B 178 -4.86 3.32 9.13
N ALA B 179 -5.55 4.24 9.79
CA ALA B 179 -6.39 3.86 10.92
C ALA B 179 -7.66 3.16 10.45
N VAL B 180 -8.27 3.68 9.38
CA VAL B 180 -9.49 3.06 8.87
C VAL B 180 -9.19 1.71 8.24
N ALA B 181 -8.11 1.63 7.46
CA ALA B 181 -7.72 0.35 6.89
C ALA B 181 -7.55 -0.72 7.97
N LEU B 182 -6.97 -0.33 9.10
CA LEU B 182 -6.86 -1.26 10.23
C LEU B 182 -8.23 -1.77 10.65
N VAL B 183 -9.18 -0.86 10.84
CA VAL B 183 -10.50 -1.28 11.31
C VAL B 183 -11.17 -2.17 10.28
N LEU B 184 -11.16 -1.75 9.01
CA LEU B 184 -11.73 -2.58 7.95
C LEU B 184 -11.05 -3.94 7.89
N SER B 185 -9.72 -3.96 7.86
CA SER B 185 -8.99 -5.22 7.84
C SER B 185 -9.34 -6.07 9.03
N LEU B 186 -9.42 -5.47 10.22
CA LEU B 186 -9.69 -6.23 11.43
C LEU B 186 -11.11 -6.80 11.43
N ALA B 187 -12.07 -6.05 10.88
CA ALA B 187 -13.44 -6.55 10.81
C ALA B 187 -13.56 -7.70 9.81
N ASN B 188 -12.89 -7.59 8.66
CA ASN B 188 -12.97 -8.63 7.65
C ASN B 188 -12.43 -9.95 8.17
N LYS B 189 -11.49 -9.91 9.12
CA LYS B 189 -10.97 -11.14 9.72
C LYS B 189 -11.86 -11.67 10.82
N SER B 190 -12.85 -10.90 11.29
CA SER B 190 -13.75 -11.36 12.33
C SER B 190 -14.97 -12.09 11.78
N GLY B 191 -15.26 -11.94 10.50
CA GLY B 191 -16.39 -12.61 9.89
C GLY B 191 -17.72 -12.24 10.52
N SER B 192 -17.72 -11.15 11.29
CA SER B 192 -18.93 -10.68 11.97
C SER B 192 -19.53 -9.53 11.17
N ARG B 193 -20.72 -9.76 10.60
CA ARG B 193 -21.37 -8.72 9.81
C ARG B 193 -21.56 -7.45 10.64
N ASN B 194 -21.90 -7.59 11.92
CA ASN B 194 -22.02 -6.42 12.78
C ASN B 194 -20.71 -5.64 12.85
N ALA B 195 -19.60 -6.36 13.02
CA ALA B 195 -18.30 -5.68 13.04
C ALA B 195 -18.02 -4.98 11.73
N ILE B 196 -18.31 -5.65 10.60
CA ILE B 196 -18.12 -5.00 9.31
C ILE B 196 -19.05 -3.82 9.16
N GLU B 197 -20.33 -4.00 9.54
CA GLU B 197 -21.28 -2.89 9.48
C GLU B 197 -20.74 -1.67 10.21
N ALA B 198 -20.26 -1.87 11.45
CA ALA B 198 -19.73 -0.75 12.22
C ALA B 198 -18.44 -0.22 11.61
N ALA B 199 -17.62 -1.12 11.06
CA ALA B 199 -16.35 -0.69 10.47
C ALA B 199 -16.58 0.31 9.34
N ALA B 200 -17.52 0.01 8.45
CA ALA B 200 -17.87 0.96 7.40
C ALA B 200 -18.40 2.26 8.01
N GLU B 201 -19.08 2.17 9.15
CA GLU B 201 -19.54 3.39 9.81
C GLU B 201 -18.36 4.26 10.22
N ILE B 202 -17.31 3.65 10.76
CA ILE B 202 -16.15 4.42 11.21
C ILE B 202 -15.49 5.12 10.04
N ALA B 203 -15.32 4.43 8.90
CA ALA B 203 -14.72 5.07 7.74
C ALA B 203 -15.54 6.29 7.31
N LYS B 204 -16.87 6.17 7.32
CA LYS B 204 -17.71 7.33 7.03
C LYS B 204 -17.41 8.46 8.01
N ARG B 205 -17.49 8.17 9.31
CA ARG B 205 -17.15 9.17 10.32
C ARG B 205 -15.81 9.82 10.02
N GLY B 206 -14.83 9.02 9.60
CA GLY B 206 -13.54 9.55 9.18
C GLY B 206 -12.72 10.18 10.29
N ASP B 207 -12.73 9.59 11.47
CA ASP B 207 -11.98 10.08 12.62
C ASP B 207 -10.86 9.11 12.95
N SER B 208 -9.63 9.62 12.98
CA SER B 208 -8.47 8.76 13.23
C SER B 208 -8.50 8.20 14.66
N GLU B 209 -8.93 9.02 15.63
CA GLU B 209 -8.89 8.59 17.03
C GLU B 209 -9.89 7.48 17.29
N VAL B 210 -11.07 7.56 16.67
CA VAL B 210 -12.08 6.51 16.85
C VAL B 210 -11.62 5.21 16.22
N ALA B 211 -11.13 5.27 14.98
CA ALA B 211 -10.70 4.06 14.29
C ALA B 211 -9.64 3.31 15.10
N LEU B 212 -8.62 4.01 15.58
CA LEU B 212 -7.54 3.34 16.29
C LEU B 212 -8.02 2.75 17.61
N ALA B 213 -8.75 3.54 18.40
CA ALA B 213 -9.32 3.01 19.63
C ALA B 213 -10.17 1.78 19.34
N VAL B 214 -10.93 1.82 18.25
CA VAL B 214 -11.73 0.66 17.85
C VAL B 214 -10.83 -0.42 17.27
N ALA B 215 -9.83 -0.03 16.48
CA ALA B 215 -8.90 -1.00 15.92
C ALA B 215 -8.26 -1.84 17.02
N LEU B 216 -7.91 -1.20 18.14
CA LEU B 216 -7.43 -1.95 19.29
C LEU B 216 -8.47 -2.95 19.78
N VAL B 217 -9.66 -2.44 20.11
CA VAL B 217 -10.71 -3.29 20.65
C VAL B 217 -10.92 -4.51 19.77
N LEU B 218 -11.16 -4.29 18.48
CA LEU B 218 -11.33 -5.40 17.56
C LEU B 218 -10.12 -6.31 17.57
N SER B 219 -8.92 -5.73 17.46
CA SER B 219 -7.70 -6.52 17.51
C SER B 219 -7.66 -7.37 18.77
N LEU B 220 -8.02 -6.77 19.91
CA LEU B 220 -7.93 -7.49 21.18
C LEU B 220 -9.04 -8.52 21.31
N ALA B 221 -10.21 -8.25 20.74
CA ALA B 221 -11.28 -9.25 20.75
C ALA B 221 -10.91 -10.45 19.90
N ASN B 222 -10.45 -10.21 18.67
CA ASN B 222 -10.12 -11.31 17.78
C ASN B 222 -9.00 -12.16 18.35
N LYS B 223 -7.98 -11.51 18.93
CA LYS B 223 -6.88 -12.27 19.52
C LYS B 223 -7.38 -13.13 20.68
N SER B 224 -8.23 -12.57 21.53
CA SER B 224 -8.83 -13.35 22.61
C SER B 224 -9.72 -14.47 22.07
N GLY B 225 -10.16 -14.36 20.82
CA GLY B 225 -10.95 -15.39 20.20
C GLY B 225 -12.24 -15.69 20.93
N SER B 226 -13.00 -14.65 21.26
CA SER B 226 -14.31 -14.79 21.88
C SER B 226 -15.33 -14.06 21.01
N ARG B 227 -16.25 -14.81 20.40
CA ARG B 227 -17.28 -14.21 19.57
C ARG B 227 -18.07 -13.16 20.35
N ASN B 228 -18.30 -13.42 21.64
CA ASN B 228 -18.96 -12.42 22.47
C ASN B 228 -18.10 -11.18 22.62
N ALA B 229 -16.78 -11.36 22.73
CA ALA B 229 -15.89 -10.21 22.75
C ALA B 229 -15.89 -9.48 21.41
N ILE B 230 -15.84 -10.24 20.31
CA ILE B 230 -15.84 -9.63 18.99
C ILE B 230 -17.15 -8.88 18.75
N GLU B 231 -18.27 -9.49 19.12
CA GLU B 231 -19.57 -8.84 18.91
C GLU B 231 -19.75 -7.66 19.86
N ALA B 232 -19.28 -7.79 21.11
CA ALA B 232 -19.25 -6.63 22.00
C ALA B 232 -18.45 -5.49 21.38
N ALA B 233 -17.32 -5.82 20.76
CA ALA B 233 -16.50 -4.82 20.09
C ALA B 233 -17.25 -4.14 18.97
N ALA B 234 -17.95 -4.93 18.13
CA ALA B 234 -18.76 -4.34 17.08
C ALA B 234 -19.79 -3.37 17.65
N GLU B 235 -20.32 -3.67 18.84
CA GLU B 235 -21.20 -2.72 19.50
C GLU B 235 -20.48 -1.42 19.81
N ILE B 236 -19.28 -1.53 20.40
CA ILE B 236 -18.48 -0.35 20.69
C ILE B 236 -18.22 0.45 19.42
N ALA B 237 -17.84 -0.25 18.35
CA ALA B 237 -17.56 0.44 17.09
C ALA B 237 -18.76 1.22 16.61
N LYS B 238 -19.93 0.57 16.56
CA LYS B 238 -21.15 1.26 16.14
C LYS B 238 -21.37 2.52 16.97
N ARG B 239 -21.25 2.40 18.29
CA ARG B 239 -21.39 3.58 19.15
C ARG B 239 -20.31 4.60 18.85
N GLY B 240 -19.11 4.14 18.52
CA GLY B 240 -18.05 5.06 18.11
C GLY B 240 -17.63 6.06 19.17
N ASP B 241 -17.55 5.62 20.42
CA ASP B 241 -17.13 6.48 21.52
C ASP B 241 -15.66 6.18 21.82
N SER B 242 -14.78 7.10 21.43
CA SER B 242 -13.35 6.88 21.55
C SER B 242 -12.97 6.46 22.97
N GLU B 243 -13.46 7.18 23.97
CA GLU B 243 -13.07 6.89 25.34
C GLU B 243 -13.53 5.51 25.79
N VAL B 244 -14.70 5.07 25.31
CA VAL B 244 -15.23 3.79 25.75
C VAL B 244 -14.42 2.64 25.16
N ALA B 245 -14.03 2.77 23.89
CA ALA B 245 -13.18 1.75 23.29
C ALA B 245 -11.88 1.59 24.06
N LEU B 246 -11.26 2.71 24.45
CA LEU B 246 -10.02 2.64 25.21
C LEU B 246 -10.25 2.04 26.59
N LYS B 247 -11.37 2.39 27.22
CA LYS B 247 -11.70 1.79 28.52
C LYS B 247 -11.83 0.28 28.39
N VAL B 248 -12.57 -0.18 27.36
CA VAL B 248 -12.67 -1.61 27.12
C VAL B 248 -11.32 -2.17 26.68
N ALA B 249 -10.59 -1.43 25.84
CA ALA B 249 -9.26 -1.88 25.44
C ALA B 249 -8.41 -2.20 26.65
N LEU B 250 -8.45 -1.33 27.67
CA LEU B 250 -7.79 -1.64 28.93
C LEU B 250 -8.36 -2.92 29.55
N GLU B 251 -9.68 -2.94 29.76
CA GLU B 251 -10.30 -4.10 30.39
C GLU B 251 -10.07 -5.36 29.56
N LEU B 252 -10.09 -5.22 28.23
CA LEU B 252 -9.88 -6.39 27.38
C LEU B 252 -8.42 -6.81 27.31
N SER B 253 -7.51 -5.84 27.37
CA SER B 253 -6.09 -6.16 27.24
C SER B 253 -5.61 -7.01 28.41
N GLN B 254 -5.97 -6.61 29.64
CA GLN B 254 -5.43 -7.28 30.82
C GLN B 254 -5.94 -8.71 30.93
N ALA B 255 -7.21 -8.96 30.56
CA ALA B 255 -7.71 -10.32 30.54
C ALA B 255 -6.94 -11.17 29.54
N ASN B 256 -6.58 -10.58 28.39
CA ASN B 256 -5.77 -11.31 27.42
C ASN B 256 -4.44 -11.76 28.03
N LYS B 257 -3.80 -10.88 28.80
CA LYS B 257 -2.54 -11.20 29.44
C LYS B 257 -2.68 -12.39 30.39
N SER B 260 -7.50 -15.69 31.01
CA SER B 260 -8.68 -16.23 31.68
C SER B 260 -9.88 -16.20 30.75
N ARG B 261 -10.05 -17.28 29.98
CA ARG B 261 -11.22 -17.37 29.10
C ARG B 261 -12.49 -17.09 29.87
N ASP B 262 -12.54 -17.49 31.14
CA ASP B 262 -13.66 -17.11 32.01
C ASP B 262 -13.84 -15.60 32.05
N GLU B 263 -12.74 -14.86 32.03
CA GLU B 263 -12.77 -13.42 32.23
C GLU B 263 -12.99 -12.63 30.95
N ILE B 264 -12.51 -13.12 29.80
CA ILE B 264 -12.74 -12.40 28.54
C ILE B 264 -14.23 -12.13 28.36
N GLU B 265 -15.07 -13.12 28.68
CA GLU B 265 -16.51 -12.94 28.57
C GLU B 265 -17.01 -11.87 29.53
N LYS B 266 -16.37 -11.74 30.69
CA LYS B 266 -16.79 -10.73 31.66
C LYS B 266 -16.60 -9.34 31.10
N ALA B 267 -15.37 -9.01 30.68
CA ALA B 267 -15.10 -7.69 30.12
C ALA B 267 -15.91 -7.46 28.86
N ALA B 268 -16.19 -8.50 28.09
CA ALA B 268 -17.04 -8.35 26.91
C ALA B 268 -18.46 -7.96 27.32
N GLU B 269 -19.05 -8.69 28.26
CA GLU B 269 -20.37 -8.33 28.76
C GLU B 269 -20.36 -6.92 29.33
N ASN B 270 -19.34 -6.58 30.12
CA ASN B 270 -19.22 -5.23 30.65
C ASN B 270 -19.20 -4.20 29.52
N ALA B 271 -18.48 -4.52 28.44
CA ALA B 271 -18.47 -3.62 27.29
C ALA B 271 -19.82 -3.57 26.60
N LYS B 272 -20.61 -4.62 26.72
CA LYS B 272 -21.93 -4.69 26.08
C LYS B 272 -22.87 -3.66 26.67
#